data_6W00
#
_entry.id   6W00
#
_cell.length_a   121.517
_cell.length_b   121.517
_cell.length_c   82.611
_cell.angle_alpha   90.00
_cell.angle_beta   90.00
_cell.angle_gamma   90.00
#
_symmetry.space_group_name_H-M   'P 43 21 2'
#
loop_
_entity.id
_entity.type
_entity.pdbx_description
1 polymer 'Immunoglobulin G-binding protein G'
2 polymer 'Fab239 light chain'
3 polymer 'Fab239 heavy chain'
4 polymer 'NPNA2 peptide'
5 water water
#
loop_
_entity_poly.entity_id
_entity_poly.type
_entity_poly.pdbx_seq_one_letter_code
_entity_poly.pdbx_strand_id
1 'polypeptide(L)' AVTTYKLVINGKTLKGETTTKAVDAETAEKAFKQYANDNGVDGVWTYDDATKTFTVTE G
2 'polypeptide(L)'
;DIQMTQSPSTLSASVGDRVTITCRASQSVSTSLAWYQQKPGKAPNLLIYQASTLYRGVPSRFSGSGSGTEFTLTIGSLQP
DDFATYYCQHYNSYSRITFGQGTRLEIKRTVAAPSVFIFPPSDEQLKSGTASVVCLLNNFYPREAKVQWKVDNALQSGNS
QESVTEQDSKDSTYSLSSTLTLSKADYEKHKVYACEVTHQGLSSPVTKSFNRGEC
;
L
3 'polypeptide(L)'
;QVQLVESGGGVVQPGRSLRLSCAASRLTFRNFGMHWVRQTPGKGLEWVAVIWHDGSNKFYADSVEGRFTISRDNSKNTLY
LQMNSLRDEDTAIYYCAKDWGGASDRVFDYWGRGTLVIVSSASTKGPSVFPLAPSSKSTSGGTAALGCLVKDYFPEPVTV
SWNSGALTSGVHTFPAVLQSSGLYSLSSVVTVPSSSLGTQTYICNVNHKPSNTKVDKKVEPKSC
;
H
4 'polypeptide(L)' (ACE)NPNANPNA P
#
# COMPACT_ATOMS: atom_id res chain seq x y z
N ALA A 1 -16.23 32.34 7.16
CA ALA A 1 -17.45 31.57 7.42
C ALA A 1 -17.12 30.33 8.24
N VAL A 2 -15.97 29.72 7.95
CA VAL A 2 -15.56 28.47 8.56
C VAL A 2 -14.29 28.71 9.36
N THR A 3 -14.20 28.13 10.55
CA THR A 3 -13.01 28.26 11.37
C THR A 3 -12.67 26.91 11.99
N THR A 4 -11.41 26.79 12.42
CA THR A 4 -10.86 25.54 12.89
C THR A 4 -11.08 25.38 14.40
N TYR A 5 -11.68 24.26 14.79
CA TYR A 5 -11.86 23.90 16.19
C TYR A 5 -10.95 22.71 16.50
N LYS A 6 -10.56 22.61 17.77
CA LYS A 6 -9.74 21.51 18.23
C LYS A 6 -10.51 20.65 19.24
N LEU A 7 -10.17 19.37 19.28
CA LEU A 7 -10.67 18.45 20.30
C LEU A 7 -9.47 17.86 21.03
N VAL A 8 -9.47 17.98 22.35
CA VAL A 8 -8.52 17.28 23.19
C VAL A 8 -9.25 16.08 23.78
N ILE A 9 -8.70 14.90 23.55
CA ILE A 9 -9.27 13.67 24.09
C ILE A 9 -8.47 13.30 25.34
N ASN A 10 -9.13 13.27 26.49
CA ASN A 10 -8.51 12.83 27.74
C ASN A 10 -9.25 11.57 28.21
N GLY A 11 -8.99 10.45 27.53
CA GLY A 11 -9.64 9.19 27.87
C GLY A 11 -8.77 8.36 28.78
N LYS A 12 -9.37 7.26 29.26
CA LYS A 12 -8.63 6.33 30.12
C LYS A 12 -7.51 5.66 29.34
N THR A 13 -7.78 5.26 28.08
CA THR A 13 -6.77 4.62 27.27
C THR A 13 -6.46 5.34 25.97
N LEU A 14 -7.27 6.31 25.56
CA LEU A 14 -7.05 7.09 24.36
C LEU A 14 -6.83 8.54 24.76
N LYS A 15 -5.70 9.12 24.30
CA LYS A 15 -5.34 10.49 24.61
C LYS A 15 -4.70 11.15 23.40
N GLY A 16 -5.05 12.41 23.16
CA GLY A 16 -4.50 13.11 22.02
C GLY A 16 -5.42 14.23 21.58
N GLU A 17 -5.36 14.54 20.29
CA GLU A 17 -6.05 15.72 19.75
C GLU A 17 -6.37 15.49 18.29
N THR A 18 -7.38 16.23 17.81
CA THR A 18 -7.77 16.26 16.41
C THR A 18 -8.42 17.62 16.16
N THR A 19 -8.77 17.87 14.90
CA THR A 19 -9.42 19.13 14.56
C THR A 19 -10.57 18.89 13.59
N THR A 20 -11.40 19.92 13.44
CA THR A 20 -12.44 19.94 12.41
C THR A 20 -12.67 21.40 12.04
N LYS A 21 -13.22 21.60 10.84
CA LYS A 21 -13.63 22.93 10.39
C LYS A 21 -15.15 22.99 10.39
N ALA A 22 -15.69 24.08 10.95
CA ALA A 22 -17.14 24.19 11.11
C ALA A 22 -17.52 25.66 11.20
N VAL A 23 -18.80 25.93 10.93
CA VAL A 23 -19.28 27.30 10.97
C VAL A 23 -19.55 27.78 12.38
N ASP A 24 -19.76 26.88 13.34
CA ASP A 24 -19.99 27.29 14.72
C ASP A 24 -19.61 26.16 15.66
N ALA A 25 -19.60 26.48 16.96
CA ALA A 25 -19.19 25.51 17.97
C ALA A 25 -20.14 24.32 18.02
N GLU A 26 -21.45 24.57 17.84
CA GLU A 26 -22.42 23.48 17.91
C GLU A 26 -22.13 22.43 16.84
N THR A 27 -21.82 22.87 15.63
CA THR A 27 -21.52 21.96 14.53
C THR A 27 -20.22 21.21 14.78
N ALA A 28 -19.17 21.91 15.22
CA ALA A 28 -17.92 21.25 15.58
C ALA A 28 -18.14 20.17 16.64
N GLU A 29 -18.93 20.48 17.68
CA GLU A 29 -19.13 19.50 18.74
C GLU A 29 -19.82 18.26 18.21
N LYS A 30 -20.75 18.41 17.26
CA LYS A 30 -21.42 17.23 16.70
C LYS A 30 -20.41 16.31 16.02
N ALA A 31 -19.50 16.89 15.23
CA ALA A 31 -18.45 16.11 14.59
C ALA A 31 -17.56 15.45 15.64
N PHE A 32 -17.17 16.21 16.66
CA PHE A 32 -16.26 15.68 17.68
C PHE A 32 -16.92 14.59 18.51
N LYS A 33 -18.22 14.73 18.82
CA LYS A 33 -18.90 13.66 19.54
C LYS A 33 -19.01 12.40 18.69
N GLN A 34 -19.22 12.56 17.39
CA GLN A 34 -19.19 11.40 16.50
C GLN A 34 -17.83 10.73 16.52
N TYR A 35 -16.76 11.53 16.44
CA TYR A 35 -15.41 10.98 16.44
C TYR A 35 -15.14 10.24 17.75
N ALA A 36 -15.49 10.87 18.88
CA ALA A 36 -15.30 10.22 20.17
C ALA A 36 -16.12 8.95 20.25
N ASN A 37 -17.39 9.01 19.82
CA ASN A 37 -18.22 7.81 19.80
C ASN A 37 -17.57 6.71 18.98
N ASP A 38 -17.00 7.06 17.82
CA ASP A 38 -16.37 6.08 16.95
C ASP A 38 -15.15 5.46 17.60
N ASN A 39 -14.57 6.12 18.60
CA ASN A 39 -13.43 5.60 19.33
C ASN A 39 -13.83 4.99 20.66
N GLY A 40 -15.12 4.87 20.92
CA GLY A 40 -15.59 4.26 22.15
C GLY A 40 -15.45 5.14 23.37
N VAL A 41 -15.28 6.43 23.19
CA VAL A 41 -15.04 7.35 24.30
C VAL A 41 -16.38 7.91 24.73
N ASP A 42 -16.66 7.81 26.02
CA ASP A 42 -17.87 8.35 26.64
C ASP A 42 -17.41 9.20 27.82
N GLY A 43 -17.63 10.51 27.74
CA GLY A 43 -17.01 11.39 28.70
C GLY A 43 -17.78 12.69 28.91
N VAL A 44 -17.18 13.55 29.72
CA VAL A 44 -17.74 14.84 30.06
C VAL A 44 -17.12 15.87 29.14
N TRP A 45 -17.95 16.73 28.54
CA TRP A 45 -17.54 17.66 27.48
C TRP A 45 -17.43 19.06 28.07
N THR A 46 -16.29 19.71 27.82
CA THR A 46 -16.06 21.10 28.18
C THR A 46 -15.54 21.85 26.97
N TYR A 47 -15.54 23.18 27.07
CA TYR A 47 -15.22 24.02 25.92
C TYR A 47 -14.53 25.29 26.38
N ASP A 48 -13.51 25.67 25.63
N ASP A 48 -13.50 25.68 25.64
CA ASP A 48 -12.76 26.90 25.87
CA ASP A 48 -12.77 26.92 25.89
C ASP A 48 -12.91 27.77 24.63
C ASP A 48 -12.90 27.78 24.65
N ASP A 49 -13.71 28.84 24.75
CA ASP A 49 -13.96 29.69 23.60
C ASP A 49 -12.72 30.43 23.14
N ALA A 50 -11.82 30.78 24.06
CA ALA A 50 -10.65 31.55 23.67
C ALA A 50 -9.78 30.78 22.68
N THR A 51 -9.69 29.47 22.84
CA THR A 51 -8.88 28.62 21.98
C THR A 51 -9.71 27.75 21.05
N LYS A 52 -11.02 27.98 21.01
CA LYS A 52 -11.92 27.19 20.19
C LYS A 52 -11.62 25.70 20.34
N THR A 53 -11.50 25.25 21.59
CA THR A 53 -11.06 23.88 21.87
C THR A 53 -12.06 23.20 22.77
N PHE A 54 -12.60 22.07 22.31
CA PHE A 54 -13.37 21.17 23.15
C PHE A 54 -12.44 20.15 23.82
N THR A 55 -12.84 19.70 25.00
CA THR A 55 -12.20 18.57 25.65
C THR A 55 -13.27 17.56 26.05
N VAL A 56 -12.98 16.28 25.83
CA VAL A 56 -13.83 15.21 26.32
C VAL A 56 -13.00 14.43 27.35
N THR A 57 -13.52 14.32 28.57
CA THR A 57 -12.80 13.72 29.68
C THR A 57 -13.54 12.50 30.20
N GLU A 58 -12.86 11.36 30.22
CA GLU A 58 -13.43 10.13 30.76
C GLU A 58 -13.17 10.02 32.27
N ASP B 1 -5.56 -4.15 -26.58
CA ASP B 1 -4.13 -3.98 -26.25
C ASP B 1 -3.42 -5.33 -26.16
N ILE B 2 -2.12 -5.35 -26.47
CA ILE B 2 -1.34 -6.54 -26.22
C ILE B 2 -1.28 -6.79 -24.72
N GLN B 3 -1.44 -8.05 -24.32
CA GLN B 3 -1.36 -8.43 -22.91
C GLN B 3 -0.01 -9.09 -22.64
N MET B 4 0.71 -8.57 -21.67
CA MET B 4 1.99 -9.12 -21.25
C MET B 4 1.78 -9.88 -19.95
N THR B 5 2.29 -11.11 -19.89
CA THR B 5 2.09 -11.97 -18.74
C THR B 5 3.43 -12.51 -18.29
N GLN B 6 3.76 -12.31 -17.02
CA GLN B 6 5.02 -12.81 -16.49
C GLN B 6 4.81 -14.02 -15.58
N SER B 7 5.78 -14.93 -15.61
CA SER B 7 5.76 -16.16 -14.81
C SER B 7 7.17 -16.43 -14.30
N PRO B 8 7.32 -16.90 -13.05
CA PRO B 8 6.27 -17.01 -12.02
C PRO B 8 5.94 -15.63 -11.44
N SER B 9 4.89 -15.53 -10.63
CA SER B 9 4.62 -14.28 -9.93
C SER B 9 5.68 -14.02 -8.86
N THR B 10 6.16 -15.05 -8.19
CA THR B 10 7.22 -14.91 -7.19
C THR B 10 8.21 -16.05 -7.39
N LEU B 11 9.51 -15.74 -7.26
CA LEU B 11 10.57 -16.72 -7.41
C LEU B 11 11.50 -16.61 -6.21
N SER B 12 11.81 -17.75 -5.59
CA SER B 12 12.68 -17.80 -4.42
C SER B 12 14.08 -18.24 -4.83
N ALA B 13 15.09 -17.57 -4.29
CA ALA B 13 16.46 -17.90 -4.69
C ALA B 13 17.43 -17.48 -3.59
N SER B 14 18.67 -17.94 -3.74
CA SER B 14 19.75 -17.56 -2.82
C SER B 14 20.82 -16.80 -3.58
N VAL B 15 21.57 -15.98 -2.84
CA VAL B 15 22.76 -15.33 -3.39
C VAL B 15 23.62 -16.38 -4.06
N GLY B 16 24.11 -16.05 -5.25
CA GLY B 16 24.89 -16.96 -6.04
C GLY B 16 24.11 -17.84 -7.00
N ASP B 17 22.78 -17.89 -6.86
CA ASP B 17 21.99 -18.74 -7.74
C ASP B 17 21.87 -18.11 -9.12
N ARG B 18 21.61 -18.96 -10.12
CA ARG B 18 21.18 -18.54 -11.44
C ARG B 18 19.65 -18.66 -11.50
N VAL B 19 18.98 -17.60 -11.92
CA VAL B 19 17.53 -17.62 -12.01
C VAL B 19 17.10 -17.07 -13.36
N THR B 20 15.94 -17.52 -13.82
CA THR B 20 15.35 -17.12 -15.09
C THR B 20 13.88 -16.84 -14.87
N ILE B 21 13.42 -15.69 -15.35
CA ILE B 21 12.00 -15.36 -15.31
C ILE B 21 11.50 -15.17 -16.73
N THR B 22 10.20 -15.36 -16.91
CA THR B 22 9.63 -15.45 -18.26
C THR B 22 8.58 -14.38 -18.46
N CYS B 23 8.51 -13.84 -19.68
CA CYS B 23 7.53 -12.86 -20.08
C CYS B 23 6.90 -13.35 -21.38
N ARG B 24 5.58 -13.35 -21.45
CA ARG B 24 4.86 -13.82 -22.62
C ARG B 24 3.89 -12.75 -23.10
N ALA B 25 3.86 -12.54 -24.41
CA ALA B 25 2.98 -11.58 -25.07
C ALA B 25 1.83 -12.31 -25.76
N SER B 26 0.69 -11.63 -25.83
CA SER B 26 -0.50 -12.23 -26.44
C SER B 26 -0.46 -12.22 -27.96
N GLN B 27 0.48 -11.49 -28.55
CA GLN B 27 0.80 -11.58 -29.96
C GLN B 27 2.26 -11.19 -30.11
N SER B 28 2.81 -11.43 -31.31
CA SER B 28 4.23 -11.18 -31.50
C SER B 28 4.56 -9.71 -31.30
N VAL B 29 5.66 -9.46 -30.57
CA VAL B 29 6.21 -8.11 -30.46
C VAL B 29 7.60 -8.03 -31.07
N SER B 30 7.92 -8.95 -32.00
CA SER B 30 9.26 -9.15 -32.54
C SER B 30 10.29 -9.20 -31.41
N THR B 31 11.26 -8.28 -31.41
CA THR B 31 12.15 -8.16 -30.26
C THR B 31 12.02 -6.78 -29.61
N SER B 32 10.85 -6.16 -29.76
CA SER B 32 10.58 -4.83 -29.19
C SER B 32 10.13 -4.98 -27.75
N LEU B 33 11.08 -5.32 -26.88
CA LEU B 33 10.76 -5.76 -25.52
C LEU B 33 11.89 -5.36 -24.59
N ALA B 34 11.52 -4.80 -23.44
CA ALA B 34 12.47 -4.36 -22.43
C ALA B 34 12.12 -4.93 -21.07
N TRP B 35 13.12 -4.95 -20.19
CA TRP B 35 12.99 -5.37 -18.80
C TRP B 35 13.42 -4.25 -17.87
N TYR B 36 12.74 -4.12 -16.74
CA TYR B 36 13.05 -3.13 -15.71
C TYR B 36 13.09 -3.81 -14.34
N GLN B 37 13.89 -3.23 -13.45
CA GLN B 37 13.97 -3.60 -12.05
C GLN B 37 13.29 -2.51 -11.24
N GLN B 38 12.55 -2.92 -10.22
CA GLN B 38 11.97 -1.93 -9.30
C GLN B 38 12.03 -2.43 -7.88
N LYS B 39 12.42 -1.55 -6.97
CA LYS B 39 12.41 -1.81 -5.54
C LYS B 39 11.38 -0.93 -4.85
N PRO B 40 10.90 -1.32 -3.67
CA PRO B 40 9.85 -0.53 -3.00
C PRO B 40 10.25 0.93 -2.85
N GLY B 41 9.30 1.81 -3.13
CA GLY B 41 9.51 3.23 -2.97
C GLY B 41 10.38 3.89 -4.01
N LYS B 42 10.81 3.17 -5.03
CA LYS B 42 11.64 3.75 -6.09
C LYS B 42 10.95 3.55 -7.43
N ALA B 43 11.25 4.43 -8.39
CA ALA B 43 10.82 4.21 -9.76
C ALA B 43 11.60 3.05 -10.39
N PRO B 44 11.07 2.46 -11.45
CA PRO B 44 11.80 1.36 -12.11
C PRO B 44 13.10 1.84 -12.74
N ASN B 45 14.02 0.89 -12.93
CA ASN B 45 15.28 1.13 -13.61
C ASN B 45 15.42 0.17 -14.78
N LEU B 46 15.80 0.71 -15.93
CA LEU B 46 15.93 -0.06 -17.16
C LEU B 46 17.13 -0.99 -17.07
N LEU B 47 16.92 -2.24 -17.51
CA LEU B 47 17.96 -3.26 -17.56
C LEU B 47 18.35 -3.68 -18.97
N ILE B 48 17.37 -3.98 -19.82
CA ILE B 48 17.58 -4.63 -21.10
C ILE B 48 16.54 -4.07 -22.06
N TYR B 49 16.93 -3.86 -23.32
CA TYR B 49 16.00 -3.44 -24.37
C TYR B 49 16.31 -4.23 -25.63
N GLN B 50 15.37 -4.15 -26.59
CA GLN B 50 15.40 -4.97 -27.80
C GLN B 50 15.70 -6.42 -27.44
N ALA B 51 15.10 -6.85 -26.33
CA ALA B 51 15.09 -8.24 -25.86
C ALA B 51 16.41 -8.72 -25.26
N SER B 52 17.55 -8.27 -25.78
CA SER B 52 18.82 -8.84 -25.37
C SER B 52 19.95 -7.83 -25.20
N THR B 53 19.71 -6.54 -25.40
CA THR B 53 20.78 -5.56 -25.29
C THR B 53 20.82 -4.98 -23.88
N LEU B 54 21.98 -5.08 -23.23
CA LEU B 54 22.14 -4.55 -21.89
C LEU B 54 22.25 -3.04 -21.91
N TYR B 55 21.48 -2.37 -21.06
CA TYR B 55 21.57 -0.92 -20.93
C TYR B 55 22.84 -0.53 -20.19
N ARG B 56 23.32 0.69 -20.48
CA ARG B 56 24.52 1.23 -19.86
C ARG B 56 24.47 1.06 -18.35
N GLY B 57 25.58 0.59 -17.79
CA GLY B 57 25.75 0.51 -16.37
C GLY B 57 25.10 -0.68 -15.70
N VAL B 58 24.44 -1.55 -16.45
CA VAL B 58 23.78 -2.72 -15.87
C VAL B 58 24.80 -3.85 -15.76
N PRO B 59 24.89 -4.54 -14.62
CA PRO B 59 25.91 -5.58 -14.46
C PRO B 59 25.76 -6.71 -15.48
N SER B 60 26.91 -7.29 -15.83
CA SER B 60 27.01 -8.33 -16.85
C SER B 60 26.26 -9.60 -16.47
N ARG B 61 25.93 -9.80 -15.20
CA ARG B 61 25.19 -10.99 -14.82
C ARG B 61 23.75 -10.99 -15.32
N PHE B 62 23.27 -9.87 -15.84
CA PHE B 62 21.93 -9.80 -16.42
C PHE B 62 22.02 -10.12 -17.90
N SER B 63 21.07 -10.91 -18.39
CA SER B 63 20.97 -11.15 -19.82
C SER B 63 19.51 -11.41 -20.18
N GLY B 64 19.19 -11.22 -21.45
CA GLY B 64 17.84 -11.42 -21.91
C GLY B 64 17.88 -12.19 -23.22
N SER B 65 16.78 -12.90 -23.49
CA SER B 65 16.64 -13.72 -24.68
C SER B 65 15.17 -13.77 -25.08
N GLY B 66 14.92 -14.19 -26.33
CA GLY B 66 13.58 -14.43 -26.82
C GLY B 66 13.23 -13.52 -27.99
N SER B 67 12.05 -13.81 -28.55
CA SER B 67 11.52 -13.14 -29.73
C SER B 67 10.07 -13.57 -29.86
N GLY B 68 9.30 -12.73 -30.55
CA GLY B 68 7.92 -13.06 -30.83
C GLY B 68 7.02 -12.91 -29.62
N THR B 69 6.63 -14.04 -29.02
CA THR B 69 5.73 -14.01 -27.88
C THR B 69 6.36 -14.55 -26.59
N GLU B 70 7.64 -14.90 -26.59
CA GLU B 70 8.23 -15.56 -25.42
C GLU B 70 9.63 -15.01 -25.17
N PHE B 71 9.84 -14.48 -23.96
CA PHE B 71 11.07 -13.80 -23.60
C PHE B 71 11.50 -14.27 -22.22
N THR B 72 12.82 -14.20 -21.96
CA THR B 72 13.35 -14.54 -20.66
C THR B 72 14.39 -13.53 -20.18
N LEU B 73 14.41 -13.30 -18.87
CA LEU B 73 15.45 -12.54 -18.20
C LEU B 73 16.20 -13.51 -17.31
N THR B 74 17.53 -13.51 -17.40
CA THR B 74 18.35 -14.40 -16.60
C THR B 74 19.34 -13.59 -15.79
N ILE B 75 19.52 -13.98 -14.53
CA ILE B 75 20.54 -13.39 -13.68
C ILE B 75 21.49 -14.52 -13.32
N GLY B 76 22.76 -14.38 -13.73
CA GLY B 76 23.67 -15.53 -13.76
C GLY B 76 24.11 -15.99 -12.39
N SER B 77 24.40 -15.05 -11.49
CA SER B 77 24.84 -15.39 -10.14
C SER B 77 24.34 -14.27 -9.23
N LEU B 78 23.22 -14.51 -8.56
CA LEU B 78 22.49 -13.44 -7.88
C LEU B 78 23.33 -12.77 -6.80
N GLN B 79 23.21 -11.44 -6.71
CA GLN B 79 23.77 -10.66 -5.63
C GLN B 79 22.67 -10.09 -4.76
N PRO B 80 22.98 -9.70 -3.52
CA PRO B 80 21.91 -9.17 -2.63
C PRO B 80 21.10 -8.06 -3.26
N ASP B 81 21.73 -7.16 -4.02
CA ASP B 81 21.05 -6.04 -4.65
C ASP B 81 20.00 -6.48 -5.68
N ASP B 82 19.98 -7.76 -6.07
CA ASP B 82 19.11 -8.22 -7.16
C ASP B 82 17.70 -8.62 -6.68
N PHE B 83 17.51 -8.80 -5.38
CA PHE B 83 16.19 -9.10 -4.84
C PHE B 83 15.31 -7.87 -4.98
N ALA B 84 14.26 -7.99 -5.79
CA ALA B 84 13.50 -6.86 -6.29
C ALA B 84 12.35 -7.40 -7.12
N THR B 85 11.56 -6.51 -7.72
CA THR B 85 10.54 -6.89 -8.70
C THR B 85 11.01 -6.52 -10.10
N TYR B 86 10.71 -7.40 -11.05
CA TYR B 86 11.11 -7.24 -12.44
C TYR B 86 9.87 -7.20 -13.33
N TYR B 87 9.86 -6.26 -14.26
CA TYR B 87 8.77 -6.05 -15.21
C TYR B 87 9.31 -6.13 -16.63
N CYS B 88 8.49 -6.68 -17.51
CA CYS B 88 8.70 -6.53 -18.93
C CYS B 88 7.72 -5.49 -19.51
N GLN B 89 8.08 -5.00 -20.69
CA GLN B 89 7.37 -3.93 -21.40
C GLN B 89 7.61 -4.15 -22.89
N HIS B 90 6.55 -4.19 -23.69
CA HIS B 90 6.72 -4.17 -25.14
C HIS B 90 6.59 -2.74 -25.67
N TYR B 91 7.10 -2.53 -26.89
CA TYR B 91 6.89 -1.30 -27.67
C TYR B 91 6.81 -1.66 -29.15
N ASN B 92 5.98 -2.67 -29.43
CA ASN B 92 5.74 -3.16 -30.78
C ASN B 92 5.17 -2.04 -31.64
N SER B 93 5.64 -1.95 -32.87
CA SER B 93 5.13 -0.97 -33.81
C SER B 93 3.62 -1.12 -33.96
N TYR B 94 2.93 0.01 -33.95
CA TYR B 94 1.49 0.13 -34.13
C TYR B 94 0.68 -0.52 -33.03
N SER B 95 1.30 -0.79 -31.88
CA SER B 95 0.61 -1.29 -30.69
C SER B 95 1.00 -0.49 -29.46
N ARG B 96 0.02 0.03 -28.74
CA ARG B 96 0.31 0.89 -27.60
C ARG B 96 0.98 0.11 -26.46
N ILE B 97 1.90 0.78 -25.79
CA ILE B 97 2.78 0.12 -24.83
C ILE B 97 1.97 -0.51 -23.70
N THR B 98 2.35 -1.72 -23.31
CA THR B 98 1.83 -2.33 -22.10
C THR B 98 2.97 -3.04 -21.38
N PHE B 99 2.73 -3.27 -20.08
CA PHE B 99 3.72 -3.90 -19.20
C PHE B 99 3.20 -5.23 -18.68
N GLY B 100 4.12 -6.13 -18.33
CA GLY B 100 3.76 -7.30 -17.54
C GLY B 100 3.44 -6.91 -16.11
N GLN B 101 2.88 -7.87 -15.36
CA GLN B 101 2.39 -7.57 -14.01
C GLN B 101 3.50 -7.66 -12.96
N GLY B 102 4.70 -8.08 -13.33
CA GLY B 102 5.77 -8.13 -12.36
C GLY B 102 6.05 -9.53 -11.84
N THR B 103 7.34 -9.82 -11.63
CA THR B 103 7.79 -11.01 -10.93
C THR B 103 8.66 -10.55 -9.78
N ARG B 104 8.33 -11.00 -8.56
CA ARG B 104 9.11 -10.64 -7.37
C ARG B 104 10.11 -11.75 -7.10
N LEU B 105 11.39 -11.38 -7.03
CA LEU B 105 12.49 -12.25 -6.64
C LEU B 105 12.72 -12.05 -5.15
N GLU B 106 12.43 -13.08 -4.36
CA GLU B 106 12.55 -13.03 -2.91
C GLU B 106 13.68 -13.95 -2.45
N ILE B 107 14.04 -13.78 -1.18
CA ILE B 107 15.14 -14.54 -0.58
C ILE B 107 14.63 -15.85 -0.04
N LYS B 108 15.28 -16.95 -0.44
CA LYS B 108 14.91 -18.26 0.08
C LYS B 108 15.54 -18.49 1.47
N ARG B 109 14.76 -19.09 2.35
CA ARG B 109 15.24 -19.48 3.68
C ARG B 109 14.55 -20.76 4.08
N THR B 110 14.91 -21.29 5.25
CA THR B 110 14.29 -22.51 5.74
C THR B 110 12.82 -22.25 6.08
N VAL B 111 12.04 -23.32 6.06
CA VAL B 111 10.61 -23.19 6.37
C VAL B 111 10.45 -22.76 7.81
N ALA B 112 9.54 -21.81 8.05
CA ALA B 112 9.22 -21.35 9.40
C ALA B 112 7.71 -21.27 9.53
N ALA B 113 7.13 -22.09 10.41
CA ALA B 113 5.69 -22.07 10.62
C ALA B 113 5.29 -20.77 11.33
N PRO B 114 4.10 -20.26 11.08
CA PRO B 114 3.70 -19.03 11.76
C PRO B 114 3.28 -19.31 13.18
N SER B 115 3.56 -18.33 14.05
N SER B 115 3.58 -18.34 14.05
CA SER B 115 2.85 -18.25 15.32
CA SER B 115 2.85 -18.23 15.31
C SER B 115 1.51 -17.58 15.05
C SER B 115 1.49 -17.62 15.00
N VAL B 116 0.44 -18.13 15.63
CA VAL B 116 -0.93 -17.75 15.29
C VAL B 116 -1.57 -17.12 16.51
N PHE B 117 -2.20 -15.97 16.30
CA PHE B 117 -2.76 -15.14 17.37
C PHE B 117 -4.12 -14.63 16.92
N ILE B 118 -5.09 -14.61 17.83
CA ILE B 118 -6.41 -14.08 17.50
C ILE B 118 -6.79 -13.01 18.50
N PHE B 119 -7.51 -11.98 18.03
CA PHE B 119 -7.85 -10.81 18.83
C PHE B 119 -9.36 -10.63 18.72
N PRO B 120 -10.12 -10.73 19.80
CA PRO B 120 -11.55 -10.42 19.73
C PRO B 120 -11.79 -8.93 19.53
N PRO B 121 -12.97 -8.56 19.03
CA PRO B 121 -13.29 -7.13 18.90
C PRO B 121 -13.27 -6.47 20.26
N SER B 122 -12.79 -5.22 20.29
CA SER B 122 -12.72 -4.46 21.54
C SER B 122 -14.10 -3.94 21.94
N ASP B 123 -14.28 -3.76 23.25
CA ASP B 123 -15.51 -3.14 23.75
C ASP B 123 -15.70 -1.76 23.15
N GLU B 124 -14.59 -1.03 22.94
CA GLU B 124 -14.66 0.29 22.31
C GLU B 124 -15.35 0.23 20.95
N GLN B 125 -14.92 -0.70 20.09
CA GLN B 125 -15.54 -0.79 18.77
C GLN B 125 -16.97 -1.32 18.87
N LEU B 126 -17.21 -2.30 19.74
CA LEU B 126 -18.56 -2.84 19.87
C LEU B 126 -19.54 -1.72 20.21
N LYS B 127 -19.12 -0.78 21.05
CA LYS B 127 -19.93 0.39 21.35
C LYS B 127 -20.37 1.13 20.09
N SER B 128 -19.53 1.12 19.05
CA SER B 128 -19.81 1.88 17.84
C SER B 128 -20.71 1.15 16.85
N GLY B 129 -20.98 -0.14 17.07
CA GLY B 129 -21.87 -0.88 16.21
C GLY B 129 -21.21 -1.86 15.25
N THR B 130 -19.90 -2.07 15.34
CA THR B 130 -19.21 -2.99 14.46
C THR B 130 -18.33 -3.93 15.26
N ALA B 131 -17.98 -5.06 14.65
CA ALA B 131 -17.07 -6.00 15.28
C ALA B 131 -16.01 -6.39 14.26
N SER B 132 -14.74 -6.14 14.59
CA SER B 132 -13.62 -6.62 13.80
C SER B 132 -12.85 -7.66 14.61
N VAL B 133 -12.68 -8.84 14.02
CA VAL B 133 -11.89 -9.92 14.61
C VAL B 133 -10.62 -10.06 13.78
N VAL B 134 -9.46 -10.07 14.43
CA VAL B 134 -8.18 -10.11 13.74
C VAL B 134 -7.45 -11.40 14.08
N CYS B 135 -6.96 -12.07 13.04
CA CYS B 135 -6.11 -13.23 13.14
C CYS B 135 -4.74 -12.84 12.61
N LEU B 136 -3.70 -13.10 13.39
CA LEU B 136 -2.33 -12.73 13.02
C LEU B 136 -1.48 -13.98 12.84
N LEU B 137 -0.82 -14.07 11.67
CA LEU B 137 0.21 -15.07 11.40
C LEU B 137 1.55 -14.35 11.39
N ASN B 138 2.44 -14.71 12.32
CA ASN B 138 3.67 -13.95 12.51
C ASN B 138 4.91 -14.72 12.10
N ASN B 139 5.74 -14.07 11.30
CA ASN B 139 7.12 -14.48 10.96
C ASN B 139 7.18 -15.93 10.47
N PHE B 140 6.62 -16.12 9.27
CA PHE B 140 6.59 -17.44 8.66
C PHE B 140 7.24 -17.40 7.28
N TYR B 141 7.51 -18.58 6.76
CA TYR B 141 8.11 -18.76 5.45
C TYR B 141 7.85 -20.20 5.00
N PRO B 142 7.41 -20.44 3.77
CA PRO B 142 7.19 -19.44 2.71
C PRO B 142 5.92 -18.60 2.87
N ARG B 143 5.72 -17.67 1.95
CA ARG B 143 4.66 -16.69 2.06
C ARG B 143 3.27 -17.31 1.95
N GLU B 144 3.15 -18.44 1.26
CA GLU B 144 1.84 -19.03 1.01
C GLU B 144 1.23 -19.59 2.30
N ALA B 145 -0.01 -19.19 2.57
CA ALA B 145 -0.70 -19.67 3.75
C ALA B 145 -2.20 -19.59 3.51
N LYS B 146 -2.94 -20.42 4.22
CA LYS B 146 -4.38 -20.51 4.14
C LYS B 146 -4.93 -20.09 5.48
N VAL B 147 -5.80 -19.08 5.50
CA VAL B 147 -6.48 -18.63 6.70
C VAL B 147 -7.98 -18.77 6.50
N GLN B 148 -8.60 -19.62 7.32
CA GLN B 148 -10.03 -19.89 7.22
C GLN B 148 -10.72 -19.45 8.50
N TRP B 149 -11.73 -18.59 8.36
CA TRP B 149 -12.54 -18.17 9.50
C TRP B 149 -13.71 -19.14 9.68
N LYS B 150 -14.02 -19.42 10.95
CA LYS B 150 -15.16 -20.26 11.29
C LYS B 150 -15.93 -19.62 12.43
N VAL B 151 -17.25 -19.53 12.27
CA VAL B 151 -18.15 -18.98 13.27
C VAL B 151 -19.14 -20.08 13.66
N ASP B 152 -19.12 -20.48 14.94
CA ASP B 152 -19.91 -21.62 15.38
C ASP B 152 -19.65 -22.81 14.47
N ASN B 153 -18.38 -23.00 14.16
CA ASN B 153 -17.87 -24.05 13.26
C ASN B 153 -18.48 -24.02 11.88
N ALA B 154 -18.97 -22.84 11.45
CA ALA B 154 -19.46 -22.66 10.08
C ALA B 154 -18.45 -21.83 9.31
N LEU B 155 -17.97 -22.36 8.19
CA LEU B 155 -16.97 -21.64 7.39
C LEU B 155 -17.55 -20.32 6.90
N GLN B 156 -16.75 -19.25 7.06
CA GLN B 156 -17.15 -17.91 6.66
C GLN B 156 -16.22 -17.40 5.56
N SER B 157 -16.80 -16.79 4.54
CA SER B 157 -16.02 -16.30 3.42
C SER B 157 -16.67 -15.04 2.87
N GLY B 158 -15.86 -14.18 2.27
CA GLY B 158 -16.34 -12.93 1.70
C GLY B 158 -16.50 -11.79 2.69
N ASN B 159 -16.22 -12.01 3.97
CA ASN B 159 -16.38 -10.97 4.99
C ASN B 159 -15.03 -10.59 5.63
N SER B 160 -13.91 -10.89 4.99
CA SER B 160 -12.62 -10.59 5.60
C SER B 160 -11.66 -10.04 4.55
N GLN B 161 -10.65 -9.33 5.04
CA GLN B 161 -9.60 -8.79 4.19
C GLN B 161 -8.25 -9.16 4.80
N GLU B 162 -7.28 -9.46 3.94
CA GLU B 162 -5.93 -9.81 4.37
C GLU B 162 -4.93 -8.71 4.01
N SER B 163 -3.88 -8.60 4.82
CA SER B 163 -2.73 -7.77 4.51
C SER B 163 -1.48 -8.57 4.83
N VAL B 164 -0.43 -8.37 4.04
N VAL B 164 -0.44 -8.42 4.00
CA VAL B 164 0.83 -9.10 4.20
CA VAL B 164 0.83 -9.12 4.18
C VAL B 164 1.98 -8.11 4.14
C VAL B 164 1.97 -8.11 4.15
N THR B 165 2.97 -8.32 5.00
CA THR B 165 4.15 -7.45 5.02
C THR B 165 5.09 -7.81 3.88
N GLU B 166 6.02 -6.89 3.59
CA GLU B 166 7.18 -7.22 2.77
C GLU B 166 8.07 -8.23 3.51
N GLN B 167 8.88 -8.97 2.76
CA GLN B 167 9.81 -9.88 3.37
C GLN B 167 10.71 -9.13 4.36
N ASP B 168 10.87 -9.68 5.56
CA ASP B 168 11.55 -8.97 6.63
C ASP B 168 13.04 -8.83 6.31
N SER B 169 13.59 -7.65 6.60
CA SER B 169 14.99 -7.36 6.31
C SER B 169 15.93 -8.31 7.04
N LYS B 170 15.58 -8.70 8.28
CA LYS B 170 16.51 -9.40 9.15
C LYS B 170 16.38 -10.92 9.07
N ASP B 171 15.15 -11.46 9.08
CA ASP B 171 14.97 -12.90 9.12
C ASP B 171 14.28 -13.45 7.89
N SER B 172 13.98 -12.62 6.90
CA SER B 172 13.44 -13.07 5.62
C SER B 172 12.08 -13.73 5.74
N THR B 173 11.33 -13.45 6.81
CA THR B 173 9.99 -14.02 6.96
C THR B 173 8.95 -13.00 6.51
N TYR B 174 7.69 -13.46 6.50
CA TYR B 174 6.50 -12.68 6.21
C TYR B 174 5.61 -12.68 7.44
N SER B 175 4.76 -11.66 7.57
CA SER B 175 3.65 -11.69 8.50
C SER B 175 2.36 -11.33 7.77
N LEU B 176 1.24 -11.80 8.31
CA LEU B 176 -0.05 -11.69 7.64
C LEU B 176 -1.14 -11.43 8.66
N SER B 177 -2.05 -10.53 8.33
CA SER B 177 -3.24 -10.29 9.12
C SER B 177 -4.47 -10.63 8.30
N SER B 178 -5.46 -11.23 8.95
CA SER B 178 -6.78 -11.43 8.37
C SER B 178 -7.77 -10.80 9.32
N THR B 179 -8.64 -9.95 8.79
CA THR B 179 -9.59 -9.19 9.58
C THR B 179 -11.00 -9.56 9.14
N LEU B 180 -11.78 -10.12 10.04
CA LEU B 180 -13.17 -10.46 9.80
C LEU B 180 -14.00 -9.32 10.35
N THR B 181 -14.85 -8.72 9.50
CA THR B 181 -15.68 -7.59 9.91
C THR B 181 -17.14 -7.96 9.81
N LEU B 182 -17.86 -7.82 10.92
CA LEU B 182 -19.29 -8.09 11.00
C LEU B 182 -19.99 -6.91 11.66
N SER B 183 -21.28 -6.77 11.39
CA SER B 183 -22.10 -5.88 12.21
C SER B 183 -22.19 -6.46 13.61
N LYS B 184 -22.37 -5.58 14.60
CA LYS B 184 -22.56 -6.06 15.97
C LYS B 184 -23.72 -7.05 16.05
N ALA B 185 -24.81 -6.78 15.35
CA ALA B 185 -25.97 -7.66 15.38
C ALA B 185 -25.59 -9.08 14.91
N ASP B 186 -24.89 -9.16 13.79
CA ASP B 186 -24.43 -10.46 13.32
C ASP B 186 -23.48 -11.08 14.33
N TYR B 187 -22.58 -10.27 14.89
CA TYR B 187 -21.60 -10.76 15.85
C TYR B 187 -22.29 -11.38 17.06
N GLU B 188 -23.29 -10.69 17.61
CA GLU B 188 -23.96 -11.12 18.84
C GLU B 188 -24.77 -12.39 18.63
N LYS B 189 -24.96 -12.84 17.39
CA LYS B 189 -25.76 -14.02 17.09
C LYS B 189 -24.98 -15.32 17.21
N HIS B 190 -23.70 -15.25 17.58
CA HIS B 190 -22.85 -16.44 17.56
C HIS B 190 -21.90 -16.42 18.75
N LYS B 191 -21.35 -17.60 19.05
CA LYS B 191 -20.53 -17.79 20.24
C LYS B 191 -19.06 -17.99 19.92
N VAL B 192 -18.73 -18.98 19.08
CA VAL B 192 -17.34 -19.42 18.90
C VAL B 192 -16.78 -18.78 17.63
N TYR B 193 -15.67 -18.07 17.79
CA TYR B 193 -14.96 -17.43 16.69
C TYR B 193 -13.56 -18.00 16.61
N ALA B 194 -13.19 -18.49 15.43
CA ALA B 194 -11.93 -19.19 15.26
C ALA B 194 -11.31 -18.88 13.90
N CYS B 195 -9.97 -18.86 13.86
CA CYS B 195 -9.25 -18.84 12.60
C CYS B 195 -8.36 -20.07 12.56
N GLU B 196 -8.40 -20.77 11.43
CA GLU B 196 -7.67 -22.01 11.24
C GLU B 196 -6.62 -21.76 10.18
N VAL B 197 -5.37 -22.08 10.50
CA VAL B 197 -4.23 -21.73 9.67
C VAL B 197 -3.59 -23.00 9.15
N THR B 198 -3.41 -23.05 7.82
CA THR B 198 -2.69 -24.12 7.14
C THR B 198 -1.43 -23.54 6.55
N HIS B 199 -0.30 -24.22 6.78
CA HIS B 199 0.98 -23.75 6.26
C HIS B 199 1.96 -24.91 6.20
N GLN B 200 2.92 -24.80 5.27
CA GLN B 200 3.86 -25.90 5.04
C GLN B 200 4.63 -26.26 6.30
N GLY B 201 4.87 -25.31 7.18
CA GLY B 201 5.59 -25.58 8.41
C GLY B 201 4.79 -26.22 9.50
N LEU B 202 3.49 -26.42 9.30
CA LEU B 202 2.62 -26.97 10.32
C LEU B 202 2.24 -28.38 9.91
N SER B 203 2.51 -29.35 10.78
CA SER B 203 2.12 -30.74 10.50
C SER B 203 0.62 -30.84 10.27
N SER B 204 -0.17 -30.14 11.08
CA SER B 204 -1.62 -30.10 10.96
C SER B 204 -2.07 -28.64 11.14
N PRO B 205 -3.26 -28.32 10.62
CA PRO B 205 -3.75 -26.93 10.78
C PRO B 205 -3.84 -26.52 12.25
N VAL B 206 -3.51 -25.25 12.51
CA VAL B 206 -3.58 -24.68 13.84
C VAL B 206 -4.80 -23.78 13.91
N THR B 207 -5.58 -23.92 14.98
CA THR B 207 -6.76 -23.11 15.21
C THR B 207 -6.62 -22.36 16.51
N LYS B 208 -6.86 -21.05 16.47
CA LYS B 208 -7.01 -20.22 17.65
C LYS B 208 -8.45 -19.72 17.68
N SER B 209 -9.06 -19.72 18.87
CA SER B 209 -10.47 -19.42 18.94
C SER B 209 -10.80 -18.78 20.29
N PHE B 210 -11.97 -18.15 20.35
CA PHE B 210 -12.48 -17.59 21.59
C PHE B 210 -14.00 -17.66 21.57
N ASN B 211 -14.60 -17.54 22.75
CA ASN B 211 -16.05 -17.45 22.88
C ASN B 211 -16.42 -16.00 23.07
N ARG B 212 -17.38 -15.51 22.28
CA ARG B 212 -17.88 -14.16 22.46
C ARG B 212 -18.28 -13.93 23.92
N GLY B 213 -17.75 -12.86 24.51
CA GLY B 213 -18.05 -12.52 25.89
C GLY B 213 -17.07 -13.07 26.90
N GLU B 214 -16.24 -14.04 26.52
CA GLU B 214 -15.28 -14.62 27.45
C GLU B 214 -14.19 -13.64 27.82
N CYS B 215 -13.91 -12.65 26.97
CA CYS B 215 -12.85 -11.68 27.24
C CYS B 215 -13.44 -10.34 27.63
N GLN C 1 23.64 15.48 -13.74
CA GLN C 1 22.67 14.46 -13.24
C GLN C 1 21.23 14.86 -13.54
N VAL C 2 20.65 14.23 -14.58
CA VAL C 2 19.28 14.51 -14.96
C VAL C 2 18.36 14.33 -13.76
N GLN C 3 17.43 15.26 -13.59
CA GLN C 3 16.45 15.21 -12.52
C GLN C 3 15.09 15.58 -13.08
N LEU C 4 14.07 14.82 -12.71
CA LEU C 4 12.68 15.07 -13.10
C LEU C 4 11.85 15.10 -11.83
N VAL C 5 11.02 16.13 -11.67
CA VAL C 5 10.25 16.34 -10.44
C VAL C 5 8.81 16.64 -10.82
N GLU C 6 7.89 15.77 -10.43
CA GLU C 6 6.47 15.95 -10.71
C GLU C 6 5.78 16.71 -9.57
N SER C 7 4.66 17.34 -9.92
CA SER C 7 3.86 18.12 -8.98
C SER C 7 2.41 18.11 -9.44
N GLY C 8 1.50 18.38 -8.52
CA GLY C 8 0.10 18.55 -8.85
C GLY C 8 -0.82 17.44 -8.40
N GLY C 9 -0.30 16.38 -7.80
CA GLY C 9 -1.15 15.31 -7.34
C GLY C 9 -1.97 15.72 -6.13
N GLY C 10 -2.95 14.89 -5.82
CA GLY C 10 -3.81 15.13 -4.67
C GLY C 10 -5.03 14.24 -4.73
N VAL C 11 -6.02 14.60 -3.90
CA VAL C 11 -7.30 13.89 -3.81
C VAL C 11 -8.33 14.69 -4.58
N VAL C 12 -9.08 14.01 -5.45
CA VAL C 12 -10.09 14.64 -6.28
C VAL C 12 -11.28 13.72 -6.42
N GLN C 13 -12.47 14.30 -6.51
CA GLN C 13 -13.66 13.51 -6.76
C GLN C 13 -13.69 13.04 -8.20
N PRO C 14 -14.34 11.90 -8.47
CA PRO C 14 -14.52 11.47 -9.87
C PRO C 14 -15.16 12.57 -10.68
N GLY C 15 -14.83 12.61 -11.97
CA GLY C 15 -15.35 13.61 -12.88
C GLY C 15 -14.68 14.96 -12.82
N ARG C 16 -13.92 15.24 -11.77
CA ARG C 16 -13.20 16.49 -11.67
C ARG C 16 -11.94 16.45 -12.54
N SER C 17 -11.18 17.53 -12.50
CA SER C 17 -9.98 17.71 -13.31
C SER C 17 -8.78 18.00 -12.43
N LEU C 18 -7.59 17.73 -12.97
CA LEU C 18 -6.34 17.95 -12.27
C LEU C 18 -5.23 18.08 -13.30
N ARG C 19 -4.28 18.97 -13.03
CA ARG C 19 -3.16 19.21 -13.93
C ARG C 19 -1.85 18.82 -13.24
N LEU C 20 -1.15 17.87 -13.85
CA LEU C 20 0.17 17.50 -13.36
C LEU C 20 1.22 18.23 -14.19
N SER C 21 2.34 18.54 -13.54
CA SER C 21 3.49 19.13 -14.20
C SER C 21 4.75 18.36 -13.81
N CYS C 22 5.77 18.40 -14.66
CA CYS C 22 7.06 17.77 -14.36
C CYS C 22 8.14 18.71 -14.84
N ALA C 23 9.02 19.13 -13.93
CA ALA C 23 10.12 20.04 -14.23
C ALA C 23 11.41 19.24 -14.40
N ALA C 24 12.07 19.43 -15.53
CA ALA C 24 13.30 18.73 -15.86
C ALA C 24 14.48 19.64 -15.63
N SER C 25 15.54 19.08 -15.03
CA SER C 25 16.75 19.79 -14.67
C SER C 25 17.95 19.04 -15.25
N ARG C 26 18.95 19.79 -15.70
CA ARG C 26 20.20 19.22 -16.23
C ARG C 26 19.92 18.31 -17.43
N LEU C 27 19.09 18.80 -18.34
CA LEU C 27 18.65 18.03 -19.50
C LEU C 27 18.33 19.00 -20.63
N THR C 28 18.79 18.69 -21.84
CA THR C 28 18.35 19.40 -23.03
C THR C 28 16.94 18.91 -23.41
N PHE C 29 15.98 19.36 -22.60
CA PHE C 29 14.60 18.87 -22.63
C PHE C 29 14.02 18.83 -24.05
N ARG C 30 14.24 19.89 -24.83
CA ARG C 30 13.61 19.97 -26.15
C ARG C 30 14.10 18.91 -27.12
N ASN C 31 15.15 18.18 -26.79
CA ASN C 31 15.64 17.16 -27.71
C ASN C 31 14.91 15.83 -27.57
N PHE C 32 14.18 15.66 -26.49
CA PHE C 32 13.65 14.32 -26.18
C PHE C 32 12.12 14.23 -26.17
N GLY C 33 11.63 13.06 -26.56
CA GLY C 33 10.24 12.69 -26.34
C GLY C 33 10.04 12.48 -24.85
N MET C 34 8.86 12.73 -24.34
CA MET C 34 8.60 12.57 -22.90
C MET C 34 7.33 11.76 -22.73
N HIS C 35 7.26 10.98 -21.67
CA HIS C 35 6.09 10.13 -21.43
C HIS C 35 5.57 10.32 -20.01
N TRP C 36 4.30 9.99 -19.84
CA TRP C 36 3.73 9.75 -18.51
C TRP C 36 3.47 8.26 -18.36
N VAL C 37 3.88 7.70 -17.23
CA VAL C 37 3.65 6.31 -16.88
C VAL C 37 3.08 6.30 -15.46
N ARG C 38 2.04 5.52 -15.24
CA ARG C 38 1.45 5.46 -13.90
C ARG C 38 1.56 4.06 -13.31
N GLN C 39 1.52 4.00 -11.98
CA GLN C 39 1.61 2.74 -11.25
C GLN C 39 0.44 2.64 -10.29
N THR C 40 -0.36 1.58 -10.45
CA THR C 40 -1.62 1.39 -9.79
C THR C 40 -1.44 0.83 -8.38
N PRO C 41 -2.47 0.93 -7.54
CA PRO C 41 -2.38 0.32 -6.21
C PRO C 41 -1.88 -1.11 -6.22
N GLY C 42 -2.22 -1.89 -7.23
CA GLY C 42 -1.75 -3.27 -7.33
C GLY C 42 -0.32 -3.41 -7.80
N LYS C 43 0.37 -2.28 -7.95
CA LYS C 43 1.75 -2.17 -8.44
C LYS C 43 1.88 -2.43 -9.94
N GLY C 44 0.77 -2.52 -10.67
CA GLY C 44 0.85 -2.58 -12.11
C GLY C 44 1.34 -1.26 -12.71
N LEU C 45 2.06 -1.36 -13.82
CA LEU C 45 2.54 -0.19 -14.54
C LEU C 45 1.73 -0.03 -15.82
N GLU C 46 1.34 1.21 -16.11
CA GLU C 46 0.54 1.51 -17.29
C GLU C 46 1.13 2.73 -17.98
N TRP C 47 1.51 2.58 -19.25
CA TRP C 47 1.89 3.72 -20.07
C TRP C 47 0.67 4.59 -20.33
N VAL C 48 0.81 5.91 -20.20
CA VAL C 48 -0.31 6.83 -20.29
C VAL C 48 -0.29 7.64 -21.59
N ALA C 49 0.85 8.24 -21.92
CA ALA C 49 0.91 9.08 -23.10
C ALA C 49 2.35 9.43 -23.41
N VAL C 50 2.58 9.82 -24.68
CA VAL C 50 3.88 10.29 -25.15
C VAL C 50 3.67 11.58 -25.92
N ILE C 51 4.68 12.45 -25.86
CA ILE C 51 4.68 13.69 -26.64
C ILE C 51 6.04 13.86 -27.30
N TRP C 52 6.01 14.27 -28.57
CA TRP C 52 7.21 14.49 -29.36
C TRP C 52 8.02 15.66 -28.81
N HIS C 53 9.32 15.63 -29.12
CA HIS C 53 10.26 16.65 -28.70
C HIS C 53 9.74 18.07 -28.86
N ASP C 54 9.08 18.37 -29.98
CA ASP C 54 8.60 19.71 -30.29
C ASP C 54 7.10 19.84 -30.14
N GLY C 55 6.44 18.85 -29.55
CA GLY C 55 5.00 18.90 -29.37
C GLY C 55 4.18 18.65 -30.61
N SER C 56 4.80 18.24 -31.71
CA SER C 56 4.10 18.14 -32.98
C SER C 56 3.29 16.86 -33.12
N ASN C 57 3.42 15.93 -32.18
CA ASN C 57 2.69 14.67 -32.24
C ASN C 57 2.53 14.16 -30.81
N LYS C 58 1.44 13.45 -30.57
CA LYS C 58 1.11 12.91 -29.26
C LYS C 58 0.34 11.61 -29.46
N PHE C 59 0.49 10.69 -28.52
CA PHE C 59 -0.28 9.46 -28.53
C PHE C 59 -0.68 9.13 -27.10
N TYR C 60 -1.79 8.39 -26.98
CA TYR C 60 -2.43 8.15 -25.69
C TYR C 60 -2.85 6.70 -25.52
N ALA C 61 -2.84 6.23 -24.28
CA ALA C 61 -3.45 4.94 -23.97
C ALA C 61 -4.96 5.00 -24.23
N ASP C 62 -5.52 3.88 -24.70
CA ASP C 62 -6.95 3.81 -24.93
C ASP C 62 -7.74 4.24 -23.70
N SER C 63 -7.22 3.91 -22.52
CA SER C 63 -7.89 4.19 -21.26
C SER C 63 -8.19 5.68 -21.09
N VAL C 64 -7.34 6.54 -21.65
CA VAL C 64 -7.37 7.96 -21.29
C VAL C 64 -7.64 8.86 -22.48
N GLU C 65 -7.64 8.34 -23.71
CA GLU C 65 -7.81 9.18 -24.88
C GLU C 65 -9.17 9.86 -24.80
N GLY C 66 -9.19 11.16 -25.07
CA GLY C 66 -10.39 11.95 -24.98
C GLY C 66 -10.59 12.63 -23.65
N ARG C 67 -9.85 12.23 -22.63
CA ARG C 67 -9.94 12.78 -21.28
C ARG C 67 -8.65 13.44 -20.83
N PHE C 68 -7.50 12.89 -21.21
CA PHE C 68 -6.22 13.45 -20.85
C PHE C 68 -5.58 14.18 -22.02
N THR C 69 -4.80 15.21 -21.71
CA THR C 69 -4.05 15.97 -22.70
C THR C 69 -2.61 16.12 -22.24
N ILE C 70 -1.65 15.66 -23.06
CA ILE C 70 -0.23 15.85 -22.76
C ILE C 70 0.26 17.06 -23.53
N SER C 71 1.08 17.88 -22.88
CA SER C 71 1.64 19.08 -23.48
C SER C 71 2.99 19.37 -22.85
N ARG C 72 3.72 20.31 -23.45
CA ARG C 72 5.02 20.68 -22.92
C ARG C 72 5.28 22.16 -23.23
N ASP C 73 6.07 22.77 -22.38
CA ASP C 73 6.59 24.12 -22.60
C ASP C 73 8.11 24.00 -22.62
N ASN C 74 8.69 23.90 -23.81
CA ASN C 74 10.13 23.75 -23.90
C ASN C 74 10.87 25.00 -23.43
N SER C 75 10.19 26.14 -23.35
CA SER C 75 10.81 27.36 -22.82
C SER C 75 11.07 27.24 -21.33
N LYS C 76 10.30 26.42 -20.62
CA LYS C 76 10.44 26.26 -19.18
C LYS C 76 10.85 24.84 -18.81
N ASN C 77 11.18 24.00 -19.78
CA ASN C 77 11.58 22.63 -19.53
C ASN C 77 10.57 21.92 -18.62
N THR C 78 9.29 22.09 -18.95
CA THR C 78 8.20 21.53 -18.17
C THR C 78 7.27 20.68 -19.05
N LEU C 79 6.89 19.53 -18.52
CA LEU C 79 5.91 18.64 -19.12
C LEU C 79 4.61 18.73 -18.34
N TYR C 80 3.48 18.64 -19.02
CA TYR C 80 2.18 18.69 -18.38
C TYR C 80 1.31 17.51 -18.74
N LEU C 81 0.40 17.16 -17.84
CA LEU C 81 -0.70 16.24 -18.12
C LEU C 81 -1.96 16.86 -17.55
N GLN C 82 -2.88 17.22 -18.45
CA GLN C 82 -4.19 17.72 -18.04
C GLN C 82 -5.15 16.52 -17.97
N MET C 83 -5.66 16.24 -16.78
CA MET C 83 -6.56 15.10 -16.57
C MET C 83 -7.96 15.61 -16.28
N ASN C 84 -8.91 15.28 -17.14
CA ASN C 84 -10.30 15.63 -16.96
C ASN C 84 -11.13 14.36 -16.86
N SER C 85 -12.34 14.51 -16.35
CA SER C 85 -13.29 13.40 -16.24
C SER C 85 -12.64 12.21 -15.54
N LEU C 86 -11.94 12.51 -14.44
CA LEU C 86 -11.19 11.48 -13.74
C LEU C 86 -12.10 10.36 -13.26
N ARG C 87 -11.55 9.14 -13.27
CA ARG C 87 -12.23 7.94 -12.81
C ARG C 87 -11.46 7.34 -11.64
N ASP C 88 -12.14 6.48 -10.87
CA ASP C 88 -11.45 5.82 -9.76
C ASP C 88 -10.32 4.94 -10.27
N GLU C 89 -10.46 4.40 -11.48
CA GLU C 89 -9.39 3.62 -12.10
C GLU C 89 -8.15 4.45 -12.43
N ASP C 90 -8.22 5.77 -12.32
CA ASP C 90 -7.07 6.64 -12.57
C ASP C 90 -6.20 6.83 -11.34
N THR C 91 -6.63 6.33 -10.18
CA THR C 91 -5.84 6.43 -8.96
C THR C 91 -4.52 5.70 -9.17
N ALA C 92 -3.42 6.41 -8.92
CA ALA C 92 -2.10 5.87 -9.19
C ALA C 92 -1.02 6.89 -8.85
N ILE C 93 0.21 6.39 -8.79
CA ILE C 93 1.39 7.23 -8.83
C ILE C 93 1.68 7.56 -10.29
N TYR C 94 1.81 8.84 -10.59
CA TYR C 94 2.09 9.29 -11.97
C TYR C 94 3.57 9.67 -12.08
N TYR C 95 4.34 9.05 -12.97
CA TYR C 95 5.75 9.43 -13.21
C TYR C 95 5.93 10.09 -14.59
N CYS C 96 6.73 11.14 -14.66
CA CYS C 96 7.19 11.55 -15.99
C CYS C 96 8.41 10.68 -16.25
N ALA C 97 8.54 10.21 -17.46
CA ALA C 97 9.60 9.31 -17.85
C ALA C 97 10.23 9.89 -19.12
N LYS C 98 11.54 10.07 -19.15
CA LYS C 98 12.22 10.56 -20.34
C LYS C 98 12.37 9.42 -21.37
N ASP C 99 12.08 9.69 -22.63
CA ASP C 99 12.47 8.74 -23.66
C ASP C 99 13.99 8.68 -23.76
N TRP C 100 14.55 7.47 -23.72
CA TRP C 100 16.00 7.32 -23.66
C TRP C 100 16.71 7.86 -24.90
N GLY C 101 15.99 8.01 -26.00
CA GLY C 101 16.49 8.73 -27.15
C GLY C 101 16.86 7.89 -28.34
N GLY C 102 16.87 6.56 -28.21
CA GLY C 102 17.14 5.70 -29.35
C GLY C 102 15.91 5.57 -30.20
N ALA C 103 16.10 5.70 -31.52
CA ALA C 103 14.95 5.80 -32.42
C ALA C 103 14.07 4.55 -32.39
N SER C 104 14.65 3.37 -32.18
CA SER C 104 13.91 2.13 -32.37
C SER C 104 13.33 1.54 -31.09
N ASP C 105 13.63 2.12 -29.93
CA ASP C 105 13.22 1.53 -28.67
C ASP C 105 12.55 2.59 -27.82
N ARG C 106 11.28 2.36 -27.48
CA ARG C 106 10.55 3.26 -26.59
C ARG C 106 10.75 2.73 -25.17
N VAL C 107 11.88 3.10 -24.57
CA VAL C 107 12.23 2.74 -23.20
C VAL C 107 12.61 4.00 -22.45
N PHE C 108 12.55 3.91 -21.13
CA PHE C 108 12.62 5.07 -20.26
C PHE C 108 13.88 5.00 -19.41
N ASP C 109 14.81 5.94 -19.64
CA ASP C 109 16.07 5.92 -18.90
C ASP C 109 15.97 6.68 -17.59
N TYR C 110 15.24 7.79 -17.56
CA TYR C 110 15.10 8.59 -16.35
C TYR C 110 13.63 8.74 -15.99
N TRP C 111 13.35 8.62 -14.69
CA TRP C 111 12.02 8.75 -14.14
C TRP C 111 12.02 9.77 -13.01
N GLY C 112 10.90 10.46 -12.84
CA GLY C 112 10.69 11.25 -11.65
C GLY C 112 10.44 10.39 -10.43
N ARG C 113 10.25 11.06 -9.30
CA ARG C 113 9.86 10.35 -8.08
C ARG C 113 8.37 9.98 -8.06
N GLY C 114 7.56 10.59 -8.92
CA GLY C 114 6.13 10.33 -8.97
C GLY C 114 5.34 11.29 -8.11
N THR C 115 4.09 11.53 -8.53
CA THR C 115 3.13 12.34 -7.79
C THR C 115 1.83 11.53 -7.67
N LEU C 116 1.27 11.50 -6.47
CA LEU C 116 0.16 10.62 -6.18
C LEU C 116 -1.17 11.29 -6.48
N VAL C 117 -2.03 10.56 -7.18
CA VAL C 117 -3.37 11.03 -7.52
C VAL C 117 -4.36 10.02 -6.95
N ILE C 118 -5.25 10.50 -6.08
CA ILE C 118 -6.30 9.68 -5.46
C ILE C 118 -7.64 10.20 -5.96
N VAL C 119 -8.43 9.33 -6.60
CA VAL C 119 -9.74 9.70 -7.12
C VAL C 119 -10.79 9.00 -6.26
N SER C 120 -11.51 9.79 -5.47
CA SER C 120 -12.44 9.24 -4.51
C SER C 120 -13.45 10.31 -4.12
N SER C 121 -14.67 9.87 -3.80
CA SER C 121 -15.67 10.77 -3.26
C SER C 121 -15.62 10.85 -1.73
N ALA C 122 -14.72 10.13 -1.10
CA ALA C 122 -14.61 10.17 0.36
C ALA C 122 -14.09 11.51 0.84
N SER C 123 -14.51 11.90 2.05
CA SER C 123 -14.04 13.12 2.69
C SER C 123 -12.98 12.80 3.75
N THR C 124 -12.09 13.77 4.00
CA THR C 124 -11.05 13.58 5.01
C THR C 124 -11.66 13.17 6.34
N LYS C 125 -11.08 12.14 6.97
CA LYS C 125 -11.63 11.59 8.19
C LYS C 125 -10.50 10.94 8.98
N GLY C 126 -10.44 11.23 10.27
CA GLY C 126 -9.41 10.67 11.12
C GLY C 126 -9.77 9.26 11.54
N PRO C 127 -8.77 8.50 11.99
CA PRO C 127 -9.00 7.09 12.31
C PRO C 127 -9.64 6.86 13.67
N SER C 128 -10.37 5.74 13.75
CA SER C 128 -10.70 5.10 15.01
C SER C 128 -9.54 4.18 15.38
N VAL C 129 -9.12 4.22 16.64
CA VAL C 129 -7.95 3.47 17.07
C VAL C 129 -8.41 2.53 18.17
N PHE C 130 -8.48 1.24 17.85
CA PHE C 130 -8.95 0.19 18.75
C PHE C 130 -7.81 -0.73 19.20
N PRO C 131 -7.85 -1.20 20.44
CA PRO C 131 -6.82 -2.13 20.89
C PRO C 131 -7.00 -3.53 20.32
N LEU C 132 -5.87 -4.15 19.97
CA LEU C 132 -5.75 -5.59 19.72
C LEU C 132 -5.12 -6.14 21.00
N ALA C 133 -5.95 -6.49 21.95
CA ALA C 133 -5.51 -6.68 23.32
C ALA C 133 -4.88 -8.06 23.49
N PRO C 134 -3.73 -8.14 24.17
CA PRO C 134 -3.11 -9.44 24.39
C PRO C 134 -3.89 -10.26 25.42
N SER C 135 -3.91 -11.57 25.20
CA SER C 135 -4.59 -12.51 26.08
C SER C 135 -4.00 -13.88 25.85
N SER C 136 -4.56 -14.90 26.53
CA SER C 136 -4.17 -16.28 26.22
C SER C 136 -4.40 -16.60 24.75
N LYS C 137 -5.36 -15.92 24.13
CA LYS C 137 -5.66 -16.17 22.72
C LYS C 137 -4.61 -15.59 21.78
N SER C 138 -3.80 -14.64 22.27
CA SER C 138 -2.69 -14.10 21.51
C SER C 138 -1.37 -14.39 22.22
N THR C 139 -1.30 -15.56 22.86
CA THR C 139 -0.07 -16.07 23.45
C THR C 139 0.31 -17.34 22.72
N SER C 140 1.59 -17.47 22.37
CA SER C 140 2.14 -18.63 21.68
C SER C 140 3.39 -19.01 22.45
N GLY C 141 3.31 -20.04 23.27
CA GLY C 141 4.44 -20.39 24.11
C GLY C 141 4.78 -19.21 24.99
N GLY C 142 6.03 -18.78 24.92
CA GLY C 142 6.51 -17.63 25.69
C GLY C 142 6.38 -16.30 25.00
N THR C 143 5.65 -16.23 23.88
CA THR C 143 5.52 -15.02 23.09
C THR C 143 4.07 -14.56 23.10
N ALA C 144 3.86 -13.25 23.31
CA ALA C 144 2.55 -12.63 23.23
C ALA C 144 2.52 -11.61 22.10
N ALA C 145 1.36 -11.47 21.47
CA ALA C 145 1.16 -10.44 20.47
C ALA C 145 0.09 -9.45 20.93
N LEU C 146 0.27 -8.19 20.53
CA LEU C 146 -0.67 -7.12 20.81
C LEU C 146 -0.58 -6.13 19.67
N GLY C 147 -1.52 -5.18 19.63
CA GLY C 147 -1.49 -4.22 18.53
C GLY C 147 -2.59 -3.18 18.62
N CYS C 148 -2.67 -2.41 17.54
CA CYS C 148 -3.68 -1.38 17.35
C CYS C 148 -4.32 -1.54 15.98
N LEU C 149 -5.65 -1.49 15.96
CA LEU C 149 -6.43 -1.46 14.72
C LEU C 149 -6.82 -0.02 14.43
N VAL C 150 -6.33 0.50 13.31
CA VAL C 150 -6.45 1.90 12.93
C VAL C 150 -7.41 1.93 11.75
N LYS C 151 -8.67 2.27 12.01
CA LYS C 151 -9.76 1.94 11.10
C LYS C 151 -10.52 3.18 10.62
N ASP C 152 -10.94 3.13 9.35
CA ASP C 152 -11.92 4.06 8.80
C ASP C 152 -11.39 5.49 8.70
N TYR C 153 -10.20 5.64 8.12
CA TYR C 153 -9.61 6.95 7.87
C TYR C 153 -9.47 7.18 6.37
N PHE C 154 -9.31 8.46 6.02
CA PHE C 154 -9.12 8.85 4.64
C PHE C 154 -8.50 10.23 4.62
N PRO C 155 -7.51 10.50 3.74
CA PRO C 155 -6.86 9.55 2.82
C PRO C 155 -5.65 8.93 3.50
N GLU C 156 -4.91 8.08 2.80
CA GLU C 156 -3.59 7.69 3.28
C GLU C 156 -2.68 8.93 3.34
N PRO C 157 -1.60 8.88 4.15
CA PRO C 157 -1.19 7.79 5.04
C PRO C 157 -1.45 8.08 6.51
N VAL C 158 -1.30 7.06 7.33
CA VAL C 158 -1.17 7.20 8.77
C VAL C 158 0.21 6.68 9.13
N THR C 159 0.83 7.27 10.15
CA THR C 159 2.06 6.73 10.70
C THR C 159 1.78 6.18 12.08
N VAL C 160 2.40 5.03 12.40
CA VAL C 160 2.22 4.36 13.69
C VAL C 160 3.60 4.07 14.29
N SER C 161 3.78 4.44 15.56
CA SER C 161 4.95 4.01 16.30
C SER C 161 4.48 3.39 17.62
N TRP C 162 5.42 2.82 18.36
CA TRP C 162 5.13 2.19 19.64
C TRP C 162 5.98 2.82 20.73
N ASN C 163 5.34 3.16 21.84
CA ASN C 163 6.02 3.75 22.99
C ASN C 163 6.91 4.91 22.56
N SER C 164 6.34 5.77 21.72
CA SER C 164 7.01 7.00 21.30
C SER C 164 8.34 6.71 20.64
N GLY C 165 8.44 5.56 19.97
CA GLY C 165 9.65 5.19 19.26
C GLY C 165 10.63 4.34 20.02
N ALA C 166 10.39 4.06 21.29
CA ALA C 166 11.30 3.22 22.06
C ALA C 166 11.12 1.73 21.78
N LEU C 167 10.03 1.33 21.15
CA LEU C 167 9.75 -0.07 20.84
C LEU C 167 9.71 -0.22 19.33
N THR C 168 10.68 -0.95 18.78
CA THR C 168 10.76 -1.15 17.34
C THR C 168 10.93 -2.62 16.98
N SER C 169 11.64 -3.37 17.83
CA SER C 169 11.87 -4.79 17.58
C SER C 169 10.56 -5.55 17.66
N GLY C 170 10.28 -6.37 16.64
CA GLY C 170 9.08 -7.17 16.61
C GLY C 170 7.84 -6.49 16.10
N VAL C 171 7.94 -5.24 15.69
CA VAL C 171 6.77 -4.51 15.20
C VAL C 171 6.52 -4.85 13.74
N HIS C 172 5.26 -5.05 13.40
CA HIS C 172 4.82 -5.16 12.02
C HIS C 172 3.66 -4.21 11.82
N THR C 173 3.83 -3.19 11.00
CA THR C 173 2.73 -2.31 10.63
C THR C 173 2.33 -2.69 9.21
N PHE C 174 1.12 -3.16 9.05
CA PHE C 174 0.68 -3.74 7.80
C PHE C 174 0.32 -2.67 6.78
N PRO C 175 0.55 -2.94 5.49
CA PRO C 175 -0.06 -2.10 4.45
C PRO C 175 -1.56 -1.96 4.67
N ALA C 176 -2.05 -0.74 4.47
CA ALA C 176 -3.46 -0.46 4.61
C ALA C 176 -4.26 -1.18 3.53
N VAL C 177 -5.51 -1.48 3.85
CA VAL C 177 -6.48 -2.02 2.90
C VAL C 177 -7.56 -0.96 2.68
N LEU C 178 -8.12 -0.93 1.47
CA LEU C 178 -9.24 -0.06 1.16
C LEU C 178 -10.54 -0.84 1.35
N GLN C 179 -11.40 -0.32 2.21
CA GLN C 179 -12.65 -1.00 2.53
C GLN C 179 -13.73 -0.67 1.51
N SER C 180 -14.81 -1.46 1.53
CA SER C 180 -15.94 -1.19 0.65
C SER C 180 -16.52 0.19 0.93
N SER C 181 -16.24 0.72 2.12
CA SER C 181 -16.61 2.08 2.53
C SER C 181 -15.97 3.16 1.67
N GLY C 182 -14.86 2.86 1.00
CA GLY C 182 -13.99 3.91 0.51
C GLY C 182 -12.99 4.43 1.53
N LEU C 183 -13.03 3.91 2.75
CA LEU C 183 -12.11 4.31 3.80
C LEU C 183 -11.03 3.25 4.00
N TYR C 184 -9.90 3.67 4.54
CA TYR C 184 -8.76 2.79 4.75
C TYR C 184 -8.75 2.22 6.16
N SER C 185 -8.05 1.10 6.32
CA SER C 185 -7.86 0.46 7.60
C SER C 185 -6.52 -0.28 7.58
N LEU C 186 -5.80 -0.21 8.71
CA LEU C 186 -4.62 -1.01 8.89
C LEU C 186 -4.51 -1.49 10.33
N SER C 187 -3.65 -2.47 10.56
CA SER C 187 -3.25 -2.87 11.89
C SER C 187 -1.73 -2.72 12.05
N SER C 188 -1.32 -2.38 13.26
CA SER C 188 0.06 -2.45 13.68
C SER C 188 0.13 -3.39 14.88
N VAL C 189 1.02 -4.37 14.81
CA VAL C 189 1.15 -5.36 15.86
C VAL C 189 2.61 -5.42 16.30
N VAL C 190 2.82 -5.98 17.48
CA VAL C 190 4.14 -6.25 18.02
C VAL C 190 4.09 -7.54 18.83
N THR C 191 5.18 -8.31 18.76
CA THR C 191 5.32 -9.46 19.63
C THR C 191 6.33 -9.15 20.72
N VAL C 192 6.01 -9.60 21.93
CA VAL C 192 6.83 -9.28 23.11
C VAL C 192 6.88 -10.50 24.02
N PRO C 193 7.79 -10.53 25.00
CA PRO C 193 7.75 -11.63 25.97
C PRO C 193 6.42 -11.63 26.71
N SER C 194 5.81 -12.81 26.81
CA SER C 194 4.56 -12.93 27.57
C SER C 194 4.73 -12.38 28.98
N SER C 195 5.91 -12.54 29.57
CA SER C 195 6.13 -12.06 30.93
C SER C 195 6.22 -10.54 31.04
N SER C 196 6.23 -9.82 29.92
CA SER C 196 6.25 -8.37 29.96
C SER C 196 4.87 -7.75 30.13
N LEU C 197 3.81 -8.52 29.91
CA LEU C 197 2.48 -7.91 29.82
C LEU C 197 2.07 -7.24 31.13
N GLY C 198 2.51 -7.78 32.27
CA GLY C 198 2.12 -7.21 33.54
C GLY C 198 2.96 -6.05 34.03
N THR C 199 4.10 -5.81 33.39
CA THR C 199 5.04 -4.79 33.85
C THR C 199 5.26 -3.67 32.83
N GLN C 200 5.32 -3.99 31.54
CA GLN C 200 5.57 -2.99 30.53
C GLN C 200 4.25 -2.42 29.98
N THR C 201 4.16 -1.10 29.90
CA THR C 201 3.02 -0.46 29.26
C THR C 201 3.29 -0.34 27.76
N TYR C 202 2.27 -0.62 26.95
CA TYR C 202 2.39 -0.61 25.49
C TYR C 202 1.38 0.38 24.94
N ILE C 203 1.87 1.37 24.20
CA ILE C 203 1.08 2.46 23.65
C ILE C 203 1.41 2.59 22.17
N CYS C 204 0.38 2.59 21.33
CA CYS C 204 0.57 2.87 19.92
C CYS C 204 0.30 4.34 19.66
N ASN C 205 1.21 4.98 18.93
CA ASN C 205 1.16 6.40 18.62
C ASN C 205 0.72 6.56 17.17
N VAL C 206 -0.45 7.14 16.95
CA VAL C 206 -1.04 7.24 15.61
C VAL C 206 -1.09 8.70 15.18
N ASN C 207 -0.62 8.98 13.97
CA ASN C 207 -0.58 10.33 13.42
C ASN C 207 -1.20 10.28 12.04
N HIS C 208 -2.30 11.00 11.87
CA HIS C 208 -2.96 11.14 10.57
C HIS C 208 -2.92 12.63 10.20
N LYS C 209 -1.96 13.00 9.38
CA LYS C 209 -1.75 14.42 9.15
C LYS C 209 -2.88 15.08 8.37
N PRO C 210 -3.50 14.40 7.39
CA PRO C 210 -4.61 15.05 6.67
C PRO C 210 -5.72 15.59 7.56
N SER C 211 -6.05 14.90 8.66
CA SER C 211 -7.08 15.35 9.59
C SER C 211 -6.51 16.00 10.84
N ASN C 212 -5.19 16.20 10.88
CA ASN C 212 -4.51 16.77 12.05
C ASN C 212 -4.80 15.95 13.32
N THR C 213 -4.86 14.63 13.18
CA THR C 213 -5.15 13.75 14.31
C THR C 213 -3.85 13.18 14.86
N LYS C 214 -3.65 13.32 16.16
CA LYS C 214 -2.49 12.76 16.85
C LYS C 214 -3.02 12.15 18.13
N VAL C 215 -3.07 10.82 18.19
CA VAL C 215 -3.63 10.12 19.34
C VAL C 215 -2.75 8.95 19.72
N ASP C 216 -2.72 8.65 21.02
CA ASP C 216 -2.03 7.51 21.60
C ASP C 216 -3.06 6.58 22.22
N LYS C 217 -2.93 5.27 21.96
CA LYS C 217 -3.83 4.27 22.54
C LYS C 217 -3.02 3.33 23.41
N LYS C 218 -3.34 3.31 24.70
CA LYS C 218 -2.78 2.32 25.61
C LYS C 218 -3.48 0.98 25.39
N VAL C 219 -2.69 -0.05 25.15
CA VAL C 219 -3.24 -1.37 24.86
C VAL C 219 -3.10 -2.21 26.11
N GLU C 220 -4.22 -2.45 26.80
CA GLU C 220 -4.23 -3.15 28.07
C GLU C 220 -4.52 -4.63 27.88
N PRO C 221 -3.85 -5.52 28.61
CA PRO C 221 -4.12 -6.95 28.45
C PRO C 221 -5.53 -7.30 28.92
N LYS C 222 -6.02 -8.43 28.42
CA LYS C 222 -7.28 -9.01 28.84
C LYS C 222 -7.03 -10.19 29.77
N SER C 223 -8.03 -10.47 30.62
CA SER C 223 -7.89 -11.54 31.60
C SER C 223 -7.94 -12.91 30.94
N CYS C 224 -8.85 -13.10 29.98
CA CYS C 224 -8.98 -14.38 29.31
C CYS C 224 -7.66 -14.85 28.69
N ASN D 2 2.33 5.09 -36.10
CA ASN D 2 2.99 4.26 -35.09
C ASN D 2 3.12 5.06 -33.79
N PRO D 3 2.34 4.70 -32.77
CA PRO D 3 2.48 5.42 -31.49
C PRO D 3 3.86 5.27 -30.88
N ASN D 4 4.61 4.27 -31.28
CA ASN D 4 5.95 4.02 -30.76
C ASN D 4 7.04 4.46 -31.73
N ALA D 5 6.69 5.29 -32.71
CA ALA D 5 7.69 5.93 -33.57
C ALA D 5 8.59 6.84 -32.75
N ASN D 6 9.79 7.07 -33.27
CA ASN D 6 10.78 7.90 -32.61
C ASN D 6 10.18 9.27 -32.23
N PRO D 7 10.06 9.60 -30.96
CA PRO D 7 9.56 10.94 -30.58
C PRO D 7 10.66 11.97 -30.39
N ASN D 8 11.91 11.60 -30.62
CA ASN D 8 13.02 12.44 -30.24
C ASN D 8 13.47 13.32 -31.42
N ALA D 9 14.20 14.39 -31.11
CA ALA D 9 14.74 15.26 -32.15
C ALA D 9 15.82 14.54 -32.93
#